data_6MTT
#
_entry.id   6MTT
#
_cell.length_a   124.602
_cell.length_b   49.162
_cell.length_c   99.967
_cell.angle_alpha   90.00
_cell.angle_beta   97.10
_cell.angle_gamma   90.00
#
_symmetry.space_group_name_H-M   'C 1 2 1'
#
loop_
_entity.id
_entity.type
_entity.pdbx_description
1 polymer 'Antibody VRC46.01 Fb light chain'
2 polymer 'Antibody VRC46.01 Fab heavy chain'
3 polymer 'RV217 founder virus gp41 peptide'
4 water water
#
loop_
_entity_poly.entity_id
_entity_poly.type
_entity_poly.pdbx_seq_one_letter_code
_entity_poly.pdbx_strand_id
1 'polypeptide(L)'
;DIQMTQSPSSLSASVGDKVTLTCRSSQSISNYLNWYQQTPGKAPKVLIYAASSLQSGVPSRFSGGGSGTDFTLSISGLQP
EDFATYFCQQSYSSPYTFGQGTMLEMKRTVAAPSVFIFPPSDEQLKSGTASVVCLLNNFYPREAKVQWKVDNALQSGNSQ
ESVTEQDSKDSTYSLSSTLTLSKADYEKHKVYACEVTHQGLSSPVTKSFNRGEC
;
L
2 'polypeptide(L)'
;QVQLVQSGSEVKKPGSSVKVSCKASGGTFSTYTFSWVRQAPRHGLEWLGGILPLLNIANYAQKFQGRVKFAADKSTNMAY
MELSGLRSDDTAVYYCARHSNSWFSPKWYFDVWGRGTLVTVSSASTKGPSVFPLAPSSKSTSGGTAALGCLVKDYFPEPV
TVSWNSGALTSGVHTFPAVLQSSGLYSLSSVVTVPSSSLGTQTYICNVNHKPSNTKVDKKVEPK
;
H
3 'polypeptide(L)' NEKELLELDKWASLWNWFDITKWLWYIK P
#
# COMPACT_ATOMS: atom_id res chain seq x y z
N ASP A 1 -7.92 -0.20 -23.97
CA ASP A 1 -8.69 -1.13 -24.79
C ASP A 1 -8.08 -2.53 -24.73
N ILE A 2 -6.80 -2.61 -24.43
CA ILE A 2 -6.11 -3.90 -24.31
C ILE A 2 -6.05 -4.28 -22.84
N GLN A 3 -6.74 -5.35 -22.49
CA GLN A 3 -6.71 -5.86 -21.12
C GLN A 3 -5.50 -6.77 -20.93
N MET A 4 -4.76 -6.54 -19.84
CA MET A 4 -3.66 -7.40 -19.43
C MET A 4 -4.09 -8.21 -18.21
N THR A 5 -3.88 -9.53 -18.27
CA THR A 5 -4.28 -10.41 -17.18
C THR A 5 -3.07 -11.21 -16.72
N GLN A 6 -2.84 -11.23 -15.41
CA GLN A 6 -1.74 -11.97 -14.84
C GLN A 6 -2.24 -13.15 -14.04
N SER A 7 -1.45 -14.22 -14.02
CA SER A 7 -1.71 -15.39 -13.21
C SER A 7 -0.38 -15.93 -12.71
N PRO A 8 -0.35 -16.52 -11.50
CA PRO A 8 -1.47 -16.51 -10.55
C PRO A 8 -1.57 -15.14 -9.88
N SER A 9 -2.64 -14.87 -9.13
CA SER A 9 -2.70 -13.60 -8.41
C SER A 9 -1.69 -13.57 -7.26
N SER A 10 -1.48 -14.71 -6.62
CA SER A 10 -0.51 -14.82 -5.54
C SER A 10 0.18 -16.16 -5.66
N LEU A 11 1.48 -16.18 -5.36
CA LEU A 11 2.28 -17.40 -5.43
C LEU A 11 3.12 -17.55 -4.17
N SER A 12 3.03 -18.71 -3.53
CA SER A 12 3.90 -19.04 -2.41
C SER A 12 5.07 -19.85 -2.93
N ALA A 13 6.28 -19.50 -2.51
CA ALA A 13 7.46 -20.20 -2.98
C ALA A 13 8.56 -20.09 -1.91
N SER A 14 9.66 -20.78 -2.16
CA SER A 14 10.78 -20.76 -1.24
C SER A 14 12.01 -20.17 -1.90
N VAL A 15 12.93 -19.66 -1.07
CA VAL A 15 14.20 -19.17 -1.58
C VAL A 15 14.91 -20.30 -2.30
N GLY A 16 15.40 -20.02 -3.50
CA GLY A 16 16.01 -21.03 -4.34
C GLY A 16 15.08 -21.70 -5.33
N ASP A 17 13.78 -21.46 -5.23
CA ASP A 17 12.84 -22.07 -6.16
C ASP A 17 12.94 -21.38 -7.52
N LYS A 18 12.56 -22.12 -8.56
CA LYS A 18 12.36 -21.54 -9.88
C LYS A 18 10.85 -21.38 -10.10
N VAL A 19 10.43 -20.17 -10.47
CA VAL A 19 9.03 -19.86 -10.68
C VAL A 19 8.88 -19.15 -12.01
N THR A 20 7.72 -19.29 -12.63
CA THR A 20 7.37 -18.64 -13.88
C THR A 20 6.03 -17.97 -13.71
N LEU A 21 5.98 -16.66 -13.93
CA LEU A 21 4.75 -15.91 -13.89
C LEU A 21 4.27 -15.68 -15.32
N THR A 22 2.95 -15.57 -15.49
CA THR A 22 2.33 -15.45 -16.80
C THR A 22 1.59 -14.12 -16.93
N CYS A 23 1.59 -13.58 -18.13
CA CYS A 23 0.82 -12.40 -18.46
C CYS A 23 0.18 -12.64 -19.83
N ARG A 24 -1.08 -12.28 -19.97
CA ARG A 24 -1.79 -12.44 -21.23
C ARG A 24 -2.45 -11.13 -21.62
N SER A 25 -2.32 -10.79 -22.90
CA SER A 25 -2.95 -9.61 -23.48
C SER A 25 -4.22 -10.01 -24.20
N SER A 26 -5.22 -9.14 -24.16
CA SER A 26 -6.49 -9.39 -24.84
C SER A 26 -6.37 -9.21 -26.35
N GLN A 27 -5.33 -8.53 -26.81
CA GLN A 27 -5.04 -8.37 -28.23
C GLN A 27 -3.55 -8.62 -28.45
N SER A 28 -3.19 -9.01 -29.68
CA SER A 28 -1.80 -9.23 -30.01
C SER A 28 -1.00 -7.94 -29.88
N ILE A 29 0.12 -8.01 -29.17
CA ILE A 29 0.91 -6.81 -28.89
C ILE A 29 2.38 -7.03 -29.25
N SER A 30 2.64 -7.96 -30.18
CA SER A 30 4.00 -8.27 -30.64
C SER A 30 4.85 -8.54 -29.39
N ASN A 31 5.99 -7.89 -29.21
CA ASN A 31 6.71 -8.03 -27.94
C ASN A 31 6.86 -6.70 -27.22
N TYR A 32 5.86 -5.82 -27.36
CA TYR A 32 5.82 -4.55 -26.64
C TYR A 32 5.34 -4.78 -25.21
N LEU A 33 6.15 -5.50 -24.44
CA LEU A 33 5.72 -5.95 -23.12
C LEU A 33 6.82 -5.81 -22.09
N ASN A 34 6.49 -5.18 -20.95
CA ASN A 34 7.44 -4.88 -19.91
C ASN A 34 7.00 -5.51 -18.59
N TRP A 35 7.98 -5.89 -17.78
CA TRP A 35 7.76 -6.39 -16.43
C TRP A 35 8.37 -5.45 -15.41
N TYR A 36 7.60 -5.11 -14.38
CA TYR A 36 8.07 -4.30 -13.28
C TYR A 36 7.97 -5.07 -11.97
N GLN A 37 8.87 -4.72 -11.06
CA GLN A 37 8.86 -5.23 -9.69
C GLN A 37 8.52 -4.08 -8.74
N GLN A 38 7.71 -4.36 -7.72
CA GLN A 38 7.41 -3.34 -6.72
C GLN A 38 7.37 -3.96 -5.34
N THR A 39 8.04 -3.33 -4.38
CA THR A 39 7.97 -3.65 -2.96
C THR A 39 7.19 -2.57 -2.21
N PRO A 40 6.55 -2.91 -1.08
CA PRO A 40 5.70 -1.92 -0.39
C PRO A 40 6.41 -0.62 -0.05
N GLY A 41 5.74 0.49 -0.37
CA GLY A 41 6.23 1.82 -0.07
C GLY A 41 7.19 2.40 -1.10
N LYS A 42 7.48 1.68 -2.18
CA LYS A 42 8.44 2.11 -3.17
C LYS A 42 7.80 2.10 -4.55
N ALA A 43 8.29 2.97 -5.43
CA ALA A 43 7.82 2.98 -6.80
C ALA A 43 8.24 1.70 -7.51
N PRO A 44 7.49 1.29 -8.55
CA PRO A 44 7.90 0.12 -9.32
C PRO A 44 9.24 0.37 -9.99
N LYS A 45 9.84 -0.73 -10.45
CA LYS A 45 11.14 -0.69 -11.11
C LYS A 45 11.15 -1.70 -12.25
N VAL A 46 11.58 -1.28 -13.44
CA VAL A 46 11.57 -2.19 -14.58
C VAL A 46 12.61 -3.30 -14.38
N LEU A 47 12.23 -4.52 -14.76
CA LEU A 47 13.14 -5.65 -14.81
C LEU A 47 13.38 -6.15 -16.23
N ILE A 48 12.32 -6.28 -17.01
CA ILE A 48 12.36 -6.84 -18.36
C ILE A 48 11.57 -5.91 -19.27
N TYR A 49 12.14 -5.62 -20.45
CA TYR A 49 11.43 -4.82 -21.44
C TYR A 49 11.53 -5.49 -22.79
N ALA A 50 10.60 -5.14 -23.68
CA ALA A 50 10.50 -5.76 -24.99
C ALA A 50 10.40 -7.29 -24.87
N ALA A 51 9.71 -7.72 -23.82
CA ALA A 51 9.39 -9.12 -23.51
C ALA A 51 10.58 -9.93 -22.99
N SER A 52 11.80 -9.65 -23.43
CA SER A 52 12.91 -10.54 -23.08
C SER A 52 14.23 -9.83 -22.79
N SER A 53 14.32 -8.52 -22.91
CA SER A 53 15.56 -7.80 -22.66
C SER A 53 15.67 -7.40 -21.19
N LEU A 54 16.80 -7.72 -20.59
CA LEU A 54 17.04 -7.47 -19.17
C LEU A 54 17.61 -6.07 -18.99
N GLN A 55 16.96 -5.26 -18.14
CA GLN A 55 17.48 -3.93 -17.84
C GLN A 55 18.84 -4.06 -17.16
N SER A 56 19.73 -3.12 -17.47
CA SER A 56 21.07 -3.13 -16.90
C SER A 56 21.00 -3.17 -15.37
N GLY A 57 21.79 -4.06 -14.78
CA GLY A 57 21.82 -4.22 -13.33
C GLY A 57 20.88 -5.27 -12.79
N VAL A 58 19.94 -5.76 -13.57
CA VAL A 58 18.99 -6.76 -13.10
C VAL A 58 19.68 -8.12 -13.08
N PRO A 59 19.59 -8.89 -12.00
CA PRO A 59 20.26 -10.20 -11.95
C PRO A 59 19.84 -11.09 -13.11
N SER A 60 20.81 -11.87 -13.60
CA SER A 60 20.56 -12.77 -14.73
C SER A 60 19.61 -13.90 -14.40
N ARG A 61 19.28 -14.11 -13.12
CA ARG A 61 18.26 -15.12 -12.81
C ARG A 61 16.87 -14.73 -13.29
N PHE A 62 16.67 -13.47 -13.69
CA PHE A 62 15.44 -13.05 -14.33
C PHE A 62 15.52 -13.26 -15.84
N SER A 63 14.44 -13.78 -16.42
CA SER A 63 14.33 -13.91 -17.86
C SER A 63 12.88 -13.70 -18.26
N GLY A 64 12.69 -13.36 -19.54
CA GLY A 64 11.36 -13.15 -20.06
C GLY A 64 11.25 -13.73 -21.45
N GLY A 65 10.01 -14.01 -21.84
CA GLY A 65 9.75 -14.54 -23.16
C GLY A 65 8.30 -14.33 -23.56
N GLY A 66 8.07 -14.41 -24.86
CA GLY A 66 6.73 -14.34 -25.40
C GLY A 66 6.59 -13.32 -26.50
N SER A 67 5.61 -13.53 -27.37
CA SER A 67 5.32 -12.61 -28.46
C SER A 67 3.91 -12.88 -28.95
N GLY A 68 3.10 -11.84 -29.02
CA GLY A 68 1.72 -12.00 -29.41
C GLY A 68 0.78 -11.73 -28.26
N THR A 69 0.29 -12.78 -27.61
CA THR A 69 -0.63 -12.64 -26.49
C THR A 69 -0.20 -13.31 -25.21
N ASP A 70 0.76 -14.23 -25.24
CA ASP A 70 1.18 -14.98 -24.06
C ASP A 70 2.62 -14.64 -23.72
N PHE A 71 2.86 -14.27 -22.46
CA PHE A 71 4.17 -13.84 -22.00
C PHE A 71 4.47 -14.46 -20.65
N THR A 72 5.77 -14.65 -20.37
CA THR A 72 6.21 -15.24 -19.13
C THR A 72 7.43 -14.50 -18.61
N LEU A 73 7.54 -14.48 -17.27
CA LEU A 73 8.70 -13.98 -16.55
C LEU A 73 9.14 -15.09 -15.61
N SER A 74 10.40 -15.50 -15.73
CA SER A 74 10.91 -16.61 -14.92
C SER A 74 12.00 -16.11 -14.01
N ILE A 75 12.01 -16.61 -12.78
CA ILE A 75 13.04 -16.32 -11.81
C ILE A 75 13.68 -17.65 -11.43
N SER A 76 14.93 -17.85 -11.84
CA SER A 76 15.60 -19.14 -11.70
C SER A 76 16.48 -19.10 -10.46
N GLY A 77 15.87 -19.37 -9.31
CA GLY A 77 16.57 -19.37 -8.05
C GLY A 77 16.21 -18.15 -7.22
N LEU A 78 14.95 -18.07 -6.81
CA LEU A 78 14.44 -16.88 -6.11
C LEU A 78 15.32 -16.52 -4.92
N GLN A 79 15.61 -15.23 -4.80
CA GLN A 79 16.31 -14.70 -3.64
C GLN A 79 15.35 -13.90 -2.76
N PRO A 80 15.68 -13.67 -1.49
CA PRO A 80 14.72 -13.00 -0.59
C PRO A 80 14.18 -11.68 -1.13
N GLU A 81 15.02 -10.87 -1.76
CA GLU A 81 14.58 -9.58 -2.29
C GLU A 81 13.63 -9.73 -3.49
N ASP A 82 13.51 -10.92 -4.07
CA ASP A 82 12.58 -11.16 -5.17
C ASP A 82 11.15 -11.34 -4.69
N PHE A 83 10.92 -11.43 -3.38
CA PHE A 83 9.57 -11.64 -2.88
C PHE A 83 8.90 -10.28 -2.86
N ALA A 84 8.16 -10.02 -3.93
CA ALA A 84 7.68 -8.69 -4.24
C ALA A 84 6.44 -8.87 -5.12
N THR A 85 5.91 -7.76 -5.62
CA THR A 85 4.81 -7.79 -6.57
C THR A 85 5.38 -7.54 -7.96
N TYR A 86 4.87 -8.26 -8.95
CA TYR A 86 5.34 -8.13 -10.32
C TYR A 86 4.15 -7.73 -11.18
N PHE A 87 4.35 -6.70 -12.01
CA PHE A 87 3.34 -6.18 -12.92
C PHE A 87 3.86 -6.32 -14.34
N CYS A 88 3.00 -6.76 -15.24
CA CYS A 88 3.28 -6.60 -16.66
C CYS A 88 2.59 -5.34 -17.17
N GLN A 89 3.06 -4.87 -18.33
CA GLN A 89 2.57 -3.62 -18.89
C GLN A 89 2.81 -3.65 -20.39
N GLN A 90 1.80 -3.32 -21.17
CA GLN A 90 1.97 -3.26 -22.63
C GLN A 90 2.23 -1.82 -23.04
N SER A 91 3.16 -1.67 -24.00
CA SER A 91 3.48 -0.37 -24.59
C SER A 91 3.09 -0.32 -26.07
N TYR A 92 2.20 -1.23 -26.48
CA TYR A 92 1.84 -1.36 -27.89
C TYR A 92 0.91 -0.23 -28.32
N SER A 93 -0.10 0.07 -27.52
CA SER A 93 -1.08 1.07 -27.92
C SER A 93 -1.72 1.71 -26.70
N SER A 94 -2.04 2.99 -26.84
CA SER A 94 -2.69 3.72 -25.77
C SER A 94 -4.15 3.31 -25.67
N PRO A 95 -4.72 3.26 -24.45
CA PRO A 95 -4.04 3.53 -23.18
C PRO A 95 -3.11 2.40 -22.73
N TYR A 96 -1.92 2.77 -22.25
CA TYR A 96 -0.90 1.80 -21.87
C TYR A 96 -1.31 1.15 -20.56
N THR A 97 -1.63 -0.14 -20.63
CA THR A 97 -2.33 -0.84 -19.57
C THR A 97 -1.38 -1.79 -18.84
N PHE A 98 -1.58 -1.88 -17.53
CA PHE A 98 -0.85 -2.76 -16.63
C PHE A 98 -1.70 -3.96 -16.28
N GLY A 99 -1.04 -5.10 -16.09
CA GLY A 99 -1.68 -6.22 -15.45
C GLY A 99 -2.01 -5.92 -14.00
N GLN A 100 -2.77 -6.82 -13.38
CA GLN A 100 -3.20 -6.59 -12.00
C GLN A 100 -2.14 -6.92 -10.97
N GLY A 101 -1.06 -7.62 -11.37
CA GLY A 101 0.03 -7.92 -10.48
C GLY A 101 -0.01 -9.34 -9.92
N THR A 102 1.16 -9.93 -9.74
CA THR A 102 1.34 -11.20 -9.04
C THR A 102 2.21 -10.94 -7.83
N MET A 103 1.72 -11.29 -6.64
CA MET A 103 2.48 -11.13 -5.41
C MET A 103 3.10 -12.47 -5.03
N LEU A 104 4.40 -12.44 -4.75
CA LEU A 104 5.15 -13.62 -4.30
C LEU A 104 5.27 -13.56 -2.78
N GLU A 105 4.91 -14.65 -2.11
CA GLU A 105 5.04 -14.76 -0.67
C GLU A 105 5.90 -15.97 -0.33
N MET A 106 6.46 -15.96 0.88
CA MET A 106 7.40 -16.99 1.29
C MET A 106 6.68 -18.14 1.99
N LYS A 107 7.06 -19.36 1.63
CA LYS A 107 6.50 -20.53 2.29
C LYS A 107 7.08 -20.75 3.69
N ARG A 108 6.22 -21.24 4.59
CA ARG A 108 6.61 -21.77 5.88
C ARG A 108 5.55 -22.77 6.31
N THR A 109 5.82 -23.48 7.39
CA THR A 109 4.82 -24.42 7.89
C THR A 109 3.70 -23.65 8.59
N VAL A 110 2.55 -24.31 8.70
CA VAL A 110 1.37 -23.69 9.29
C VAL A 110 1.67 -23.26 10.72
N ALA A 111 1.26 -22.04 11.07
CA ALA A 111 1.45 -21.49 12.40
C ALA A 111 0.11 -20.95 12.90
N ALA A 112 -0.38 -21.48 14.03
CA ALA A 112 -1.62 -20.97 14.61
C ALA A 112 -1.39 -19.59 15.24
N PRO A 113 -2.39 -18.72 15.19
CA PRO A 113 -2.23 -17.41 15.81
C PRO A 113 -2.33 -17.52 17.33
N SER A 114 -1.64 -16.59 18.00
CA SER A 114 -1.90 -16.34 19.41
C SER A 114 -2.92 -15.20 19.48
N VAL A 115 -3.96 -15.38 20.28
CA VAL A 115 -5.12 -14.49 20.27
C VAL A 115 -5.16 -13.72 21.58
N PHE A 116 -5.30 -12.40 21.48
CA PHE A 116 -5.39 -11.52 22.63
C PHE A 116 -6.58 -10.58 22.43
N ILE A 117 -7.21 -10.19 23.53
CA ILE A 117 -8.32 -9.25 23.44
C ILE A 117 -8.07 -8.09 24.41
N PHE A 118 -8.48 -6.89 24.00
CA PHE A 118 -8.26 -5.66 24.75
C PHE A 118 -9.58 -4.94 24.96
N PRO A 119 -10.01 -4.72 26.20
CA PRO A 119 -11.22 -3.94 26.45
C PRO A 119 -10.97 -2.47 26.16
N PRO A 120 -12.04 -1.67 26.04
CA PRO A 120 -11.84 -0.22 25.85
C PRO A 120 -11.14 0.40 27.04
N SER A 121 -10.41 1.48 26.77
CA SER A 121 -9.73 2.20 27.84
C SER A 121 -10.71 3.09 28.59
N ASP A 122 -10.34 3.46 29.82
CA ASP A 122 -11.15 4.40 30.58
C ASP A 122 -11.23 5.74 29.88
N GLU A 123 -10.14 6.16 29.23
CA GLU A 123 -10.12 7.48 28.59
C GLU A 123 -11.06 7.53 27.40
N GLN A 124 -11.15 6.43 26.64
CA GLN A 124 -12.10 6.40 25.52
C GLN A 124 -13.54 6.35 26.01
N LEU A 125 -13.81 5.53 27.03
CA LEU A 125 -15.16 5.46 27.57
C LEU A 125 -15.63 6.83 28.08
N LYS A 126 -14.71 7.63 28.62
CA LYS A 126 -15.09 8.96 29.07
C LYS A 126 -15.53 9.84 27.91
N SER A 127 -14.97 9.63 26.73
CA SER A 127 -15.37 10.40 25.55
C SER A 127 -16.69 9.93 24.96
N GLY A 128 -17.24 8.81 25.44
CA GLY A 128 -18.53 8.35 24.99
C GLY A 128 -18.54 7.20 24.00
N THR A 129 -17.38 6.62 23.70
CA THR A 129 -17.30 5.51 22.76
C THR A 129 -16.51 4.36 23.36
N ALA A 130 -16.66 3.18 22.76
CA ALA A 130 -15.98 1.98 23.24
C ALA A 130 -15.48 1.18 22.05
N SER A 131 -14.17 1.04 21.94
CA SER A 131 -13.55 0.17 20.94
C SER A 131 -12.94 -1.02 21.66
N VAL A 132 -13.22 -2.22 21.14
CA VAL A 132 -12.64 -3.46 21.65
C VAL A 132 -11.76 -4.02 20.55
N VAL A 133 -10.53 -4.39 20.90
CA VAL A 133 -9.54 -4.82 19.91
C VAL A 133 -9.23 -6.29 20.14
N CYS A 134 -9.19 -7.05 19.04
CA CYS A 134 -8.78 -8.45 19.05
C CYS A 134 -7.53 -8.55 18.18
N LEU A 135 -6.48 -9.17 18.71
CA LEU A 135 -5.21 -9.31 18.02
C LEU A 135 -4.92 -10.78 17.75
N LEU A 136 -4.62 -11.10 16.49
CA LEU A 136 -4.15 -12.42 16.07
C LEU A 136 -2.68 -12.26 15.70
N ASN A 137 -1.79 -12.88 16.46
CA ASN A 137 -0.36 -12.64 16.27
C ASN A 137 0.35 -13.82 15.61
N ASN A 138 1.13 -13.51 14.58
CA ASN A 138 2.14 -14.40 14.01
C ASN A 138 1.56 -15.75 13.60
N PHE A 139 0.76 -15.71 12.55
CA PHE A 139 0.12 -16.90 12.01
C PHE A 139 0.43 -17.07 10.53
N TYR A 140 0.22 -18.29 10.03
CA TYR A 140 0.43 -18.62 8.63
C TYR A 140 -0.38 -19.86 8.32
N PRO A 141 -1.08 -19.94 7.17
CA PRO A 141 -1.16 -18.93 6.10
C PRO A 141 -1.97 -17.68 6.43
N ARG A 142 -2.05 -16.76 5.46
CA ARG A 142 -2.67 -15.46 5.71
C ARG A 142 -4.17 -15.59 6.01
N GLU A 143 -4.82 -16.62 5.47
CA GLU A 143 -6.26 -16.75 5.62
C GLU A 143 -6.66 -16.97 7.06
N ALA A 144 -7.52 -16.11 7.58
CA ALA A 144 -7.98 -16.21 8.96
C ALA A 144 -9.36 -15.56 9.06
N LYS A 145 -10.15 -16.02 10.01
CA LYS A 145 -11.51 -15.52 10.21
C LYS A 145 -11.68 -15.07 11.65
N VAL A 146 -12.18 -13.86 11.83
CA VAL A 146 -12.48 -13.32 13.16
C VAL A 146 -13.96 -13.00 13.21
N GLN A 147 -14.63 -13.42 14.27
CA GLN A 147 -16.05 -13.17 14.47
C GLN A 147 -16.26 -12.55 15.84
N TRP A 148 -16.82 -11.35 15.87
CA TRP A 148 -17.12 -10.67 17.13
C TRP A 148 -18.46 -11.13 17.68
N LYS A 149 -18.50 -11.42 18.98
CA LYS A 149 -19.72 -11.79 19.67
C LYS A 149 -19.87 -10.95 20.91
N VAL A 150 -21.08 -10.44 21.13
CA VAL A 150 -21.40 -9.63 22.31
C VAL A 150 -22.56 -10.34 22.99
N ASP A 151 -22.31 -10.91 24.17
CA ASP A 151 -23.25 -11.81 24.82
C ASP A 151 -23.69 -12.93 23.86
N ASN A 152 -22.70 -13.48 23.15
CA ASN A 152 -22.83 -14.59 22.20
C ASN A 152 -23.62 -14.24 20.95
N ALA A 153 -23.97 -12.97 20.76
CA ALA A 153 -24.68 -12.54 19.55
C ALA A 153 -23.67 -12.10 18.51
N LEU A 154 -23.74 -12.70 17.32
CA LEU A 154 -22.77 -12.42 16.27
C LEU A 154 -22.94 -10.97 15.79
N GLN A 155 -21.82 -10.26 15.68
CA GLN A 155 -21.81 -8.87 15.27
C GLN A 155 -21.49 -8.75 13.78
N SER A 156 -22.04 -7.72 13.15
CA SER A 156 -21.76 -7.43 11.75
C SER A 156 -21.92 -5.94 11.50
N GLY A 157 -21.02 -5.38 10.71
CA GLY A 157 -21.12 -4.00 10.29
C GLY A 157 -20.57 -2.98 11.27
N ASN A 158 -20.04 -3.42 12.40
CA ASN A 158 -19.50 -2.51 13.41
C ASN A 158 -18.05 -2.84 13.73
N SER A 159 -17.34 -3.47 12.80
CA SER A 159 -15.95 -3.80 13.03
C SER A 159 -15.18 -3.70 11.74
N GLN A 160 -13.86 -3.51 11.87
CA GLN A 160 -12.96 -3.51 10.74
C GLN A 160 -11.66 -4.19 11.18
N GLU A 161 -10.96 -4.75 10.20
CA GLU A 161 -9.72 -5.46 10.49
C GLU A 161 -8.64 -5.00 9.52
N SER A 162 -7.39 -5.22 9.94
CA SER A 162 -6.23 -4.90 9.15
C SER A 162 -5.21 -6.01 9.32
N VAL A 163 -4.53 -6.37 8.23
CA VAL A 163 -3.53 -7.43 8.27
C VAL A 163 -2.20 -6.83 7.85
N THR A 164 -1.15 -7.24 8.54
CA THR A 164 0.19 -6.79 8.21
C THR A 164 0.69 -7.49 6.96
N GLU A 165 1.71 -6.90 6.33
CA GLU A 165 2.45 -7.62 5.32
C GLU A 165 3.21 -8.78 5.96
N GLN A 166 3.71 -9.67 5.13
CA GLN A 166 4.41 -10.82 5.66
C GLN A 166 5.66 -10.37 6.42
N ASP A 167 5.82 -10.88 7.63
CA ASP A 167 6.96 -10.52 8.47
C ASP A 167 8.24 -11.12 7.92
N SER A 168 9.27 -10.29 7.75
CA SER A 168 10.53 -10.81 7.22
C SER A 168 11.26 -11.68 8.23
N LYS A 169 10.96 -11.53 9.52
CA LYS A 169 11.66 -12.31 10.54
C LYS A 169 11.23 -13.78 10.49
N ASP A 170 9.92 -14.04 10.45
CA ASP A 170 9.43 -15.42 10.56
C ASP A 170 8.39 -15.79 9.52
N SER A 171 8.16 -14.93 8.51
CA SER A 171 7.24 -15.22 7.41
C SER A 171 5.79 -15.39 7.86
N THR A 172 5.41 -14.80 8.99
CA THR A 172 4.03 -14.86 9.49
C THR A 172 3.29 -13.57 9.22
N TYR A 173 1.99 -13.62 9.46
CA TYR A 173 1.10 -12.47 9.37
C TYR A 173 0.52 -12.20 10.75
N SER A 174 0.03 -10.97 10.94
CA SER A 174 -0.70 -10.58 12.12
C SER A 174 -1.93 -9.79 11.72
N LEU A 175 -2.98 -9.88 12.53
CA LEU A 175 -4.25 -9.27 12.20
C LEU A 175 -4.79 -8.56 13.43
N SER A 176 -5.34 -7.37 13.21
CA SER A 176 -5.96 -6.58 14.27
C SER A 176 -7.38 -6.27 13.84
N SER A 177 -8.34 -6.50 14.74
CA SER A 177 -9.74 -6.23 14.45
C SER A 177 -10.29 -5.34 15.56
N THR A 178 -11.03 -4.29 15.17
CA THR A 178 -11.59 -3.34 16.13
C THR A 178 -13.10 -3.34 16.03
N LEU A 179 -13.76 -3.61 17.15
CA LEU A 179 -15.21 -3.49 17.28
C LEU A 179 -15.49 -2.18 18.02
N THR A 180 -16.30 -1.30 17.42
CA THR A 180 -16.57 0.01 18.00
C THR A 180 -18.07 0.15 18.24
N LEU A 181 -18.44 0.40 19.49
CA LEU A 181 -19.81 0.67 19.89
C LEU A 181 -19.86 1.99 20.65
N SER A 182 -21.07 2.57 20.71
CA SER A 182 -21.25 3.70 21.59
C SER A 182 -21.11 3.25 23.05
N LYS A 183 -20.78 4.21 23.93
CA LYS A 183 -20.70 3.90 25.35
C LYS A 183 -22.02 3.34 25.86
N ALA A 184 -23.15 3.86 25.37
CA ALA A 184 -24.45 3.41 25.83
C ALA A 184 -24.70 1.95 25.45
N ASP A 185 -24.41 1.59 24.20
CA ASP A 185 -24.55 0.19 23.80
C ASP A 185 -23.56 -0.70 24.53
N TYR A 186 -22.35 -0.20 24.76
CA TYR A 186 -21.32 -1.01 25.41
C TYR A 186 -21.73 -1.42 26.82
N GLU A 187 -22.38 -0.50 27.55
CA GLU A 187 -22.74 -0.77 28.94
C GLU A 187 -23.99 -1.62 29.10
N LYS A 188 -24.69 -1.95 28.01
CA LYS A 188 -25.86 -2.80 28.09
C LYS A 188 -25.52 -4.28 27.99
N HIS A 189 -24.25 -4.63 27.80
CA HIS A 189 -23.85 -6.01 27.62
C HIS A 189 -22.67 -6.34 28.52
N LYS A 190 -22.43 -7.63 28.70
CA LYS A 190 -21.44 -8.13 29.64
C LYS A 190 -20.28 -8.83 28.95
N VAL A 191 -20.54 -9.87 28.16
CA VAL A 191 -19.49 -10.72 27.62
C VAL A 191 -19.13 -10.23 26.22
N TYR A 192 -17.86 -9.85 26.04
CA TYR A 192 -17.34 -9.45 24.74
C TYR A 192 -16.29 -10.47 24.32
N ALA A 193 -16.42 -10.99 23.11
CA ALA A 193 -15.56 -12.09 22.69
C ALA A 193 -15.26 -11.97 21.21
N CYS A 194 -14.05 -12.39 20.82
CA CYS A 194 -13.70 -12.62 19.43
C CYS A 194 -13.38 -14.09 19.24
N GLU A 195 -13.97 -14.69 18.22
CA GLU A 195 -13.74 -16.09 17.89
C GLU A 195 -12.91 -16.15 16.61
N VAL A 196 -11.87 -16.98 16.62
CA VAL A 196 -10.86 -17.03 15.57
C VAL A 196 -10.85 -18.41 14.94
N THR A 197 -10.90 -18.45 13.61
CA THR A 197 -10.82 -19.68 12.85
C THR A 197 -9.56 -19.64 11.99
N HIS A 198 -8.77 -20.72 12.03
CA HIS A 198 -7.53 -20.74 11.28
C HIS A 198 -7.09 -22.17 11.07
N GLN A 199 -6.37 -22.41 9.98
CA GLN A 199 -5.95 -23.76 9.61
C GLN A 199 -5.11 -24.42 10.69
N GLY A 200 -4.31 -23.63 11.41
CA GLY A 200 -3.49 -24.17 12.48
C GLY A 200 -4.22 -24.50 13.76
N LEU A 201 -5.49 -24.13 13.85
CA LEU A 201 -6.32 -24.41 15.01
C LEU A 201 -7.28 -25.55 14.69
N SER A 202 -7.21 -26.63 15.46
CA SER A 202 -8.11 -27.76 15.24
C SER A 202 -9.56 -27.37 15.42
N SER A 203 -9.83 -26.40 16.29
CA SER A 203 -11.17 -25.87 16.54
C SER A 203 -11.06 -24.38 16.80
N PRO A 204 -12.11 -23.62 16.49
CA PRO A 204 -12.03 -22.16 16.67
C PRO A 204 -11.79 -21.77 18.13
N VAL A 205 -10.93 -20.77 18.32
CA VAL A 205 -10.53 -20.29 19.64
C VAL A 205 -11.29 -19.01 19.95
N THR A 206 -11.82 -18.90 21.16
CA THR A 206 -12.53 -17.71 21.61
C THR A 206 -11.78 -17.07 22.75
N LYS A 207 -11.51 -15.77 22.64
CA LYS A 207 -10.97 -14.96 23.73
C LYS A 207 -12.04 -13.95 24.13
N SER A 208 -12.28 -13.81 25.43
CA SER A 208 -13.41 -13.00 25.89
C SER A 208 -13.07 -12.33 27.21
N PHE A 209 -13.89 -11.33 27.56
CA PHE A 209 -13.85 -10.70 28.87
C PHE A 209 -15.25 -10.25 29.26
N ASN A 210 -15.44 -10.01 30.56
CA ASN A 210 -16.71 -9.53 31.09
C ASN A 210 -16.57 -8.06 31.48
N ARG A 211 -17.47 -7.23 30.97
CA ARG A 211 -17.42 -5.79 31.24
C ARG A 211 -17.73 -5.50 32.70
N GLN B 1 23.02 9.98 -12.72
CA GLN B 1 21.73 9.35 -12.43
C GLN B 1 20.58 10.34 -12.57
N VAL B 2 19.83 10.23 -13.66
CA VAL B 2 18.65 11.06 -13.85
C VAL B 2 17.56 10.59 -12.89
N GLN B 3 17.11 11.48 -12.01
CA GLN B 3 16.09 11.17 -11.03
C GLN B 3 14.93 12.16 -11.15
N LEU B 4 13.79 11.77 -10.57
CA LEU B 4 12.59 12.58 -10.59
C LEU B 4 12.18 12.92 -9.16
N VAL B 5 12.01 14.21 -8.89
CA VAL B 5 11.63 14.70 -7.56
C VAL B 5 10.21 15.22 -7.64
N GLN B 6 9.34 14.74 -6.76
CA GLN B 6 7.92 15.06 -6.84
C GLN B 6 7.51 16.01 -5.72
N SER B 7 6.43 16.75 -5.99
CA SER B 7 5.89 17.66 -4.98
C SER B 7 5.22 16.87 -3.85
N GLY B 8 4.92 17.59 -2.77
CA GLY B 8 4.47 16.96 -1.55
C GLY B 8 3.03 16.48 -1.60
N SER B 9 2.62 15.84 -0.50
CA SER B 9 1.28 15.28 -0.38
C SER B 9 0.22 16.36 -0.41
N GLU B 10 -0.96 15.99 -0.89
CA GLU B 10 -2.07 16.90 -1.12
C GLU B 10 -3.35 16.32 -0.53
N VAL B 11 -4.19 17.18 0.03
CA VAL B 11 -5.52 16.81 0.48
C VAL B 11 -6.51 17.74 -0.20
N LYS B 12 -7.47 17.17 -0.91
CA LYS B 12 -8.37 17.95 -1.74
C LYS B 12 -9.82 17.52 -1.50
N LYS B 13 -10.71 18.49 -1.54
CA LYS B 13 -12.13 18.20 -1.44
C LYS B 13 -12.67 17.73 -2.79
N PRO B 14 -13.75 16.95 -2.78
CA PRO B 14 -14.35 16.52 -4.06
C PRO B 14 -14.80 17.73 -4.90
N GLY B 15 -14.59 17.63 -6.21
CA GLY B 15 -14.93 18.69 -7.12
C GLY B 15 -13.85 19.72 -7.34
N SER B 16 -12.78 19.71 -6.53
CA SER B 16 -11.68 20.63 -6.69
C SER B 16 -10.67 20.06 -7.69
N SER B 17 -9.51 20.68 -7.77
CA SER B 17 -8.45 20.23 -8.66
C SER B 17 -7.13 20.19 -7.90
N VAL B 18 -6.20 19.40 -8.41
CA VAL B 18 -4.87 19.28 -7.83
C VAL B 18 -3.84 19.34 -8.95
N LYS B 19 -2.71 19.99 -8.67
CA LYS B 19 -1.58 20.05 -9.59
C LYS B 19 -0.39 19.35 -8.94
N VAL B 20 0.06 18.26 -9.54
CA VAL B 20 1.23 17.54 -9.07
C VAL B 20 2.44 18.00 -9.88
N SER B 21 3.59 18.06 -9.23
CA SER B 21 4.82 18.55 -9.85
C SER B 21 5.88 17.47 -9.83
N CYS B 22 6.72 17.48 -10.87
CA CYS B 22 7.78 16.51 -11.07
C CYS B 22 8.98 17.25 -11.66
N LYS B 23 10.11 17.22 -10.95
CA LYS B 23 11.31 17.92 -11.35
C LYS B 23 12.40 16.93 -11.73
N ALA B 24 12.96 17.09 -12.92
CA ALA B 24 14.06 16.24 -13.36
C ALA B 24 15.35 16.68 -12.68
N SER B 25 16.00 15.77 -11.97
CA SER B 25 17.22 16.05 -11.23
C SER B 25 18.37 15.20 -11.76
N GLY B 26 19.56 15.78 -11.76
CA GLY B 26 20.71 15.11 -12.36
C GLY B 26 20.59 15.00 -13.86
N GLY B 27 19.88 15.92 -14.49
CA GLY B 27 19.64 15.87 -15.92
C GLY B 27 18.45 16.73 -16.29
N THR B 28 18.35 17.00 -17.58
CA THR B 28 17.31 17.88 -18.11
C THR B 28 16.22 17.04 -18.78
N PHE B 29 15.22 17.74 -19.34
CA PHE B 29 14.14 17.06 -20.04
C PHE B 29 14.61 16.49 -21.36
N SER B 30 15.42 17.25 -22.10
CA SER B 30 16.01 16.82 -23.38
C SER B 30 14.87 16.37 -24.28
N THR B 31 14.97 15.22 -24.95
CA THR B 31 13.95 14.74 -25.86
C THR B 31 13.00 13.74 -25.22
N TYR B 32 13.01 13.62 -23.90
CA TYR B 32 12.27 12.56 -23.25
C TYR B 32 10.81 12.95 -23.01
N THR B 33 10.00 11.91 -22.82
CA THR B 33 8.58 12.02 -22.49
C THR B 33 8.38 11.57 -21.04
N PHE B 34 7.48 12.25 -20.33
CA PHE B 34 7.23 11.99 -18.91
C PHE B 34 5.74 11.80 -18.69
N SER B 35 5.37 10.73 -17.99
CA SER B 35 3.96 10.41 -17.77
C SER B 35 3.66 10.33 -16.28
N TRP B 36 2.38 10.42 -15.97
CA TRP B 36 1.87 10.20 -14.63
C TRP B 36 1.11 8.89 -14.61
N VAL B 37 1.36 8.13 -13.55
CA VAL B 37 0.80 6.80 -13.34
C VAL B 37 0.39 6.73 -11.88
N ARG B 38 -0.87 6.39 -11.63
CA ARG B 38 -1.37 6.39 -10.26
C ARG B 38 -1.65 4.98 -9.78
N GLN B 39 -1.68 4.84 -8.46
CA GLN B 39 -1.88 3.54 -7.84
C GLN B 39 -2.67 3.69 -6.54
N GLY B 44 -3.89 -1.33 -8.24
CA GLY B 44 -3.60 -1.38 -9.67
C GLY B 44 -3.00 -0.11 -10.22
N LEU B 45 -2.07 -0.25 -11.16
CA LEU B 45 -1.39 0.89 -11.76
C LEU B 45 -2.16 1.38 -12.97
N GLU B 46 -2.30 2.70 -13.09
CA GLU B 46 -3.10 3.30 -14.15
C GLU B 46 -2.39 4.51 -14.73
N TRP B 47 -2.12 4.47 -16.04
CA TRP B 47 -1.58 5.61 -16.76
C TRP B 47 -2.67 6.64 -17.00
N LEU B 48 -2.38 7.90 -16.64
CA LEU B 48 -3.29 9.00 -16.91
C LEU B 48 -2.94 9.73 -18.19
N GLY B 49 -1.66 9.89 -18.48
CA GLY B 49 -1.23 10.72 -19.59
C GLY B 49 0.19 11.20 -19.36
N GLY B 50 0.70 11.89 -20.36
CA GLY B 50 2.09 12.32 -20.28
C GLY B 50 2.29 13.52 -21.17
N ILE B 51 3.52 14.05 -21.10
CA ILE B 51 3.88 15.28 -21.82
C ILE B 51 5.25 15.10 -22.44
N LEU B 52 5.42 15.67 -23.65
CA LEU B 52 6.72 15.80 -24.28
C LEU B 52 7.14 17.25 -24.12
N PRO B 53 7.94 17.60 -23.11
CA PRO B 53 8.28 19.02 -22.90
C PRO B 53 8.97 19.67 -24.09
N LEU B 54 9.74 18.91 -24.86
CA LEU B 54 10.47 19.49 -25.98
C LEU B 54 9.54 20.21 -26.95
N LEU B 55 8.38 19.61 -27.24
CA LEU B 55 7.43 20.15 -28.20
C LEU B 55 6.15 20.65 -27.55
N ASN B 56 6.02 20.52 -26.22
CA ASN B 56 4.83 21.00 -25.50
C ASN B 56 3.58 20.31 -26.00
N ILE B 57 3.68 18.99 -26.22
CA ILE B 57 2.57 18.15 -26.64
C ILE B 57 2.30 17.13 -25.54
N ALA B 58 1.02 16.86 -25.27
CA ALA B 58 0.62 15.88 -24.27
C ALA B 58 -0.30 14.85 -24.90
N ASN B 59 -0.26 13.64 -24.35
CA ASN B 59 -1.24 12.59 -24.62
C ASN B 59 -1.99 12.28 -23.33
N TYR B 60 -3.18 11.71 -23.47
CA TYR B 60 -3.99 11.40 -22.31
C TYR B 60 -4.78 10.13 -22.54
N ALA B 61 -5.12 9.45 -21.44
CA ALA B 61 -6.04 8.33 -21.49
C ALA B 61 -7.47 8.84 -21.57
N GLN B 62 -8.28 8.23 -22.44
CA GLN B 62 -9.64 8.70 -22.67
C GLN B 62 -10.46 8.74 -21.39
N LYS B 63 -10.13 7.88 -20.41
CA LYS B 63 -10.86 7.86 -19.15
C LYS B 63 -10.83 9.22 -18.45
N PHE B 64 -9.76 9.99 -18.64
CA PHE B 64 -9.60 11.29 -18.01
C PHE B 64 -9.87 12.44 -18.98
N GLN B 65 -10.62 12.19 -20.06
CA GLN B 65 -10.99 13.24 -20.99
C GLN B 65 -11.74 14.35 -20.27
N GLY B 66 -11.33 15.60 -20.53
CA GLY B 66 -11.95 16.74 -19.89
C GLY B 66 -11.57 16.93 -18.44
N ARG B 67 -10.59 16.18 -17.95
CA ARG B 67 -10.18 16.28 -16.56
C ARG B 67 -8.69 16.46 -16.34
N VAL B 68 -7.86 16.34 -17.38
CA VAL B 68 -6.42 16.29 -17.17
C VAL B 68 -5.74 17.30 -18.09
N LYS B 69 -4.74 17.99 -17.53
CA LYS B 69 -3.92 18.94 -18.27
C LYS B 69 -2.47 18.76 -17.85
N PHE B 70 -1.56 19.13 -18.75
CA PHE B 70 -0.13 18.99 -18.48
C PHE B 70 0.61 20.24 -18.90
N ALA B 71 1.71 20.52 -18.20
CA ALA B 71 2.57 21.65 -18.54
C ALA B 71 4.02 21.29 -18.21
N ALA B 72 4.95 22.11 -18.71
CA ALA B 72 6.35 21.92 -18.40
C ALA B 72 7.08 23.25 -18.52
N ASP B 73 8.01 23.48 -17.60
CA ASP B 73 8.86 24.66 -17.59
C ASP B 73 10.28 24.22 -17.92
N LYS B 74 10.72 24.46 -19.16
CA LYS B 74 12.04 24.03 -19.59
C LYS B 74 13.16 24.73 -18.84
N SER B 75 12.90 25.91 -18.28
CA SER B 75 13.94 26.60 -17.52
C SER B 75 14.23 25.88 -16.20
N THR B 76 13.19 25.49 -15.49
CA THR B 76 13.33 24.82 -14.20
C THR B 76 13.30 23.29 -14.32
N ASN B 77 13.11 22.77 -15.52
CA ASN B 77 13.02 21.32 -15.75
C ASN B 77 11.97 20.69 -14.85
N MET B 78 10.80 21.31 -14.81
CA MET B 78 9.68 20.83 -14.01
C MET B 78 8.47 20.60 -14.89
N ALA B 79 7.83 19.45 -14.69
CA ALA B 79 6.60 19.11 -15.40
C ALA B 79 5.44 19.04 -14.42
N TYR B 80 4.24 19.32 -14.92
CA TYR B 80 3.06 19.40 -14.09
C TYR B 80 1.92 18.61 -14.72
N MET B 81 1.07 18.05 -13.86
CA MET B 81 -0.22 17.53 -14.28
C MET B 81 -1.29 18.15 -13.39
N GLU B 82 -2.36 18.63 -14.01
CA GLU B 82 -3.52 19.11 -13.27
C GLU B 82 -4.67 18.13 -13.48
N LEU B 83 -5.22 17.61 -12.39
CA LEU B 83 -6.36 16.72 -12.41
C LEU B 83 -7.53 17.41 -11.73
N SER B 84 -8.59 17.65 -12.48
CA SER B 84 -9.73 18.43 -12.01
C SER B 84 -10.95 17.53 -11.84
N GLY B 85 -12.03 18.13 -11.34
CA GLY B 85 -13.23 17.35 -11.05
C GLY B 85 -12.98 16.18 -10.11
N LEU B 86 -12.19 16.42 -9.05
CA LEU B 86 -11.70 15.32 -8.23
C LEU B 86 -12.83 14.55 -7.57
N ARG B 87 -12.71 13.23 -7.56
CA ARG B 87 -13.65 12.33 -6.92
C ARG B 87 -12.93 11.56 -5.83
N SER B 88 -13.70 11.00 -4.90
CA SER B 88 -13.08 10.24 -3.81
C SER B 88 -12.27 9.06 -4.35
N ASP B 89 -12.62 8.54 -5.52
CA ASP B 89 -11.86 7.44 -6.10
C ASP B 89 -10.65 7.92 -6.89
N ASP B 90 -10.37 9.21 -6.91
CA ASP B 90 -9.08 9.71 -7.38
C ASP B 90 -8.01 9.64 -6.30
N THR B 91 -8.36 9.28 -5.06
CA THR B 91 -7.37 9.10 -4.02
C THR B 91 -6.39 8.01 -4.43
N ALA B 92 -5.10 8.36 -4.46
CA ALA B 92 -4.08 7.44 -4.95
C ALA B 92 -2.72 8.05 -4.70
N VAL B 93 -1.68 7.25 -4.91
CA VAL B 93 -0.32 7.76 -5.05
C VAL B 93 -0.07 8.00 -6.54
N TYR B 94 0.42 9.18 -6.88
CA TYR B 94 0.62 9.58 -8.27
C TYR B 94 2.12 9.62 -8.54
N TYR B 95 2.58 8.71 -9.40
CA TYR B 95 3.99 8.63 -9.78
C TYR B 95 4.20 9.38 -11.08
N CYS B 96 5.27 10.16 -11.13
CA CYS B 96 5.74 10.60 -12.44
C CYS B 96 6.81 9.63 -12.90
N ALA B 97 6.87 9.42 -14.20
CA ALA B 97 7.74 8.38 -14.73
C ALA B 97 8.20 8.82 -16.10
N ARG B 98 9.48 8.60 -16.35
CA ARG B 98 10.05 8.91 -17.65
C ARG B 98 9.95 7.67 -18.53
N HIS B 99 9.65 7.90 -19.81
CA HIS B 99 9.71 6.85 -20.82
C HIS B 99 11.14 6.70 -21.32
N SER B 100 11.53 5.46 -21.58
CA SER B 100 12.76 5.24 -22.34
C SER B 100 12.65 5.94 -23.68
N ASN B 101 13.79 6.38 -24.20
CA ASN B 101 13.79 7.22 -25.39
C ASN B 101 13.52 6.40 -26.66
N SER B 102 12.52 6.84 -27.44
CA SER B 102 12.11 6.05 -28.60
C SER B 102 13.09 6.11 -29.76
N TRP B 103 14.12 6.97 -29.69
CA TRP B 103 15.15 6.97 -30.72
C TRP B 103 15.83 5.60 -30.83
N PHE B 104 15.92 4.87 -29.72
CA PHE B 104 16.58 3.57 -29.74
C PHE B 104 15.63 2.43 -30.10
N SER B 105 14.34 2.57 -29.77
CA SER B 105 13.34 1.53 -29.98
C SER B 105 11.96 2.05 -29.63
N PRO B 106 10.94 1.75 -30.45
CA PRO B 106 9.58 2.15 -30.08
C PRO B 106 8.99 1.28 -28.97
N LYS B 107 9.65 0.18 -28.61
CA LYS B 107 9.12 -0.72 -27.58
C LYS B 107 9.58 -0.22 -26.21
N TRP B 108 8.95 0.89 -25.81
CA TRP B 108 9.44 1.66 -24.67
C TRP B 108 8.99 1.07 -23.33
N TYR B 109 9.65 1.55 -22.26
CA TYR B 109 9.33 1.18 -20.90
C TYR B 109 9.51 2.40 -20.00
N PHE B 110 8.98 2.33 -18.78
CA PHE B 110 9.19 3.40 -17.81
C PHE B 110 10.55 3.15 -17.12
N ASP B 111 11.53 4.02 -17.41
CA ASP B 111 12.89 3.76 -16.96
C ASP B 111 13.32 4.58 -15.76
N VAL B 112 12.56 5.62 -15.39
CA VAL B 112 12.82 6.41 -14.19
C VAL B 112 11.48 6.69 -13.52
N TRP B 113 11.39 6.46 -12.20
CA TRP B 113 10.17 6.76 -11.47
C TRP B 113 10.45 7.73 -10.33
N GLY B 114 9.53 8.67 -10.12
CA GLY B 114 9.52 9.44 -8.90
C GLY B 114 9.05 8.61 -7.71
N ARG B 115 9.18 9.19 -6.52
CA ARG B 115 8.81 8.46 -5.32
C ARG B 115 7.31 8.44 -5.07
N GLY B 116 6.54 9.23 -5.80
CA GLY B 116 5.09 9.27 -5.71
C GLY B 116 4.61 10.45 -4.90
N THR B 117 3.40 10.89 -5.21
CA THR B 117 2.72 11.96 -4.48
C THR B 117 1.38 11.43 -4.02
N LEU B 118 1.17 11.41 -2.69
CA LEU B 118 -0.11 10.96 -2.16
C LEU B 118 -1.14 12.08 -2.30
N VAL B 119 -2.25 11.78 -2.97
CA VAL B 119 -3.33 12.74 -3.14
C VAL B 119 -4.58 12.13 -2.53
N THR B 120 -5.06 12.73 -1.44
CA THR B 120 -6.24 12.28 -0.73
C THR B 120 -7.41 13.20 -1.08
N VAL B 121 -8.47 12.63 -1.65
CA VAL B 121 -9.67 13.40 -1.99
C VAL B 121 -10.76 13.02 -1.00
N SER B 122 -11.25 14.00 -0.24
CA SER B 122 -12.20 13.70 0.82
C SER B 122 -12.80 14.99 1.34
N SER B 123 -14.02 14.90 1.85
CA SER B 123 -14.69 16.06 2.42
C SER B 123 -14.26 16.33 3.85
N ALA B 124 -13.31 15.57 4.39
CA ALA B 124 -12.87 15.72 5.76
C ALA B 124 -11.76 16.75 5.87
N SER B 125 -11.71 17.42 7.02
CA SER B 125 -10.65 18.37 7.32
C SER B 125 -9.60 17.70 8.19
N THR B 126 -8.42 18.31 8.23
CA THR B 126 -7.30 17.71 8.95
C THR B 126 -7.63 17.60 10.44
N LYS B 127 -7.37 16.43 11.02
CA LYS B 127 -7.70 16.15 12.40
C LYS B 127 -6.67 15.21 12.99
N GLY B 128 -6.20 15.55 14.20
CA GLY B 128 -5.24 14.73 14.89
C GLY B 128 -5.93 13.58 15.60
N PRO B 129 -5.19 12.50 15.83
CA PRO B 129 -5.78 11.31 16.44
C PRO B 129 -5.95 11.44 17.94
N SER B 130 -6.88 10.63 18.45
CA SER B 130 -6.90 10.26 19.85
C SER B 130 -6.08 8.99 20.01
N VAL B 131 -5.32 8.90 21.09
CA VAL B 131 -4.44 7.77 21.33
C VAL B 131 -4.87 7.11 22.63
N PHE B 132 -5.33 5.87 22.54
CA PHE B 132 -5.81 5.14 23.70
C PHE B 132 -4.91 3.95 23.98
N PRO B 133 -4.74 3.59 25.25
CA PRO B 133 -3.90 2.43 25.57
C PRO B 133 -4.63 1.12 25.34
N LEU B 134 -3.87 0.13 24.87
CA LEU B 134 -4.31 -1.27 24.82
C LEU B 134 -3.59 -1.99 25.96
N ALA B 135 -4.20 -2.00 27.13
CA ALA B 135 -3.52 -2.39 28.36
C ALA B 135 -3.25 -3.89 28.40
N PRO B 136 -2.06 -4.31 28.82
CA PRO B 136 -1.81 -5.73 29.02
C PRO B 136 -2.51 -6.25 30.27
N SER B 137 -3.04 -7.46 30.17
CA SER B 137 -3.71 -8.11 31.31
C SER B 137 -3.57 -9.62 31.17
N SER B 138 -4.33 -10.35 31.98
CA SER B 138 -4.36 -11.81 31.86
C SER B 138 -5.03 -12.26 30.58
N LYS B 139 -5.80 -11.39 29.93
CA LYS B 139 -6.42 -11.68 28.64
C LYS B 139 -5.51 -11.37 27.47
N SER B 140 -4.31 -10.87 27.74
CA SER B 140 -3.32 -10.55 26.70
C SER B 140 -1.98 -11.22 26.99
N THR B 141 -2.00 -12.36 27.68
CA THR B 141 -0.79 -13.11 27.98
C THR B 141 -0.88 -14.50 27.39
N SER B 142 0.25 -15.03 26.95
CA SER B 142 0.34 -16.36 26.34
C SER B 142 1.51 -17.14 26.93
N GLY B 143 1.69 -17.06 28.24
CA GLY B 143 2.74 -17.80 28.91
C GLY B 143 4.12 -17.23 28.74
N GLY B 144 4.52 -16.34 29.64
CA GLY B 144 5.81 -15.68 29.55
C GLY B 144 5.83 -14.45 28.66
N THR B 145 4.88 -14.30 27.75
CA THR B 145 4.80 -13.13 26.89
C THR B 145 3.43 -12.46 27.03
N ALA B 146 3.44 -11.13 27.08
CA ALA B 146 2.22 -10.35 27.15
C ALA B 146 2.15 -9.40 25.97
N ALA B 147 0.92 -9.06 25.58
CA ALA B 147 0.67 -8.15 24.47
C ALA B 147 0.08 -6.83 24.99
N LEU B 148 0.56 -5.73 24.43
CA LEU B 148 0.02 -4.40 24.72
C LEU B 148 0.12 -3.55 23.46
N GLY B 149 -0.55 -2.40 23.48
CA GLY B 149 -0.55 -1.57 22.28
C GLY B 149 -1.18 -0.23 22.50
N CYS B 150 -1.39 0.47 21.39
CA CYS B 150 -2.05 1.76 21.37
C CYS B 150 -3.02 1.79 20.20
N LEU B 151 -4.22 2.30 20.48
CA LEU B 151 -5.24 2.51 19.48
C LEU B 151 -5.18 3.98 19.05
N VAL B 152 -4.89 4.21 17.79
CA VAL B 152 -4.68 5.56 17.27
C VAL B 152 -5.88 5.86 16.38
N LYS B 153 -6.87 6.55 16.94
CA LYS B 153 -8.20 6.57 16.35
C LYS B 153 -8.57 7.97 15.86
N ASP B 154 -9.25 7.99 14.71
CA ASP B 154 -10.01 9.16 14.24
C ASP B 154 -9.11 10.31 13.80
N TYR B 155 -8.16 10.00 12.93
CA TYR B 155 -7.30 11.04 12.38
C TYR B 155 -7.50 11.16 10.87
N PHE B 156 -7.10 12.31 10.34
CA PHE B 156 -7.17 12.58 8.91
C PHE B 156 -6.19 13.67 8.59
N PRO B 157 -5.45 13.58 7.48
CA PRO B 157 -5.39 12.45 6.56
C PRO B 157 -4.28 11.50 6.95
N GLU B 158 -3.96 10.51 6.12
CA GLU B 158 -2.74 9.74 6.33
C GLU B 158 -1.53 10.67 6.17
N PRO B 159 -0.37 10.31 6.74
CA PRO B 159 -0.06 9.13 7.55
C PRO B 159 0.19 9.45 9.01
N VAL B 160 0.28 8.42 9.84
CA VAL B 160 0.73 8.56 11.22
C VAL B 160 1.96 7.70 11.42
N THR B 161 2.86 8.16 12.27
CA THR B 161 4.04 7.40 12.64
C THR B 161 3.90 6.99 14.10
N VAL B 162 4.20 5.73 14.38
CA VAL B 162 4.16 5.19 15.74
C VAL B 162 5.52 4.59 16.06
N SER B 163 6.06 4.96 17.23
CA SER B 163 7.25 4.34 17.78
C SER B 163 6.93 3.85 19.19
N TRP B 164 7.79 2.98 19.70
CA TRP B 164 7.69 2.50 21.07
C TRP B 164 8.95 2.89 21.84
N ASN B 165 8.75 3.51 23.01
CA ASN B 165 9.84 3.90 23.90
C ASN B 165 10.89 4.72 23.17
N SER B 166 10.43 5.62 22.30
CA SER B 166 11.30 6.50 21.51
C SER B 166 12.31 5.71 20.69
N GLY B 167 11.90 4.54 20.18
CA GLY B 167 12.75 3.73 19.34
C GLY B 167 13.56 2.67 20.07
N ALA B 168 13.56 2.67 21.40
CA ALA B 168 14.28 1.64 22.15
C ALA B 168 13.62 0.28 22.06
N LEU B 169 12.37 0.21 21.60
CA LEU B 169 11.62 -1.03 21.52
C LEU B 169 11.18 -1.22 20.07
N THR B 170 11.74 -2.23 19.40
CA THR B 170 11.39 -2.49 18.00
C THR B 170 11.04 -3.96 17.77
N SER B 171 11.64 -4.87 18.54
CA SER B 171 11.35 -6.28 18.39
C SER B 171 9.97 -6.61 18.92
N GLY B 172 9.23 -7.43 18.17
CA GLY B 172 7.87 -7.79 18.52
C GLY B 172 6.81 -6.74 18.22
N VAL B 173 7.16 -5.62 17.61
CA VAL B 173 6.20 -4.56 17.32
C VAL B 173 5.49 -4.85 16.01
N HIS B 174 4.17 -4.72 16.00
CA HIS B 174 3.36 -4.78 14.78
C HIS B 174 2.51 -3.52 14.72
N THR B 175 2.76 -2.66 13.74
CA THR B 175 1.92 -1.50 13.50
C THR B 175 1.06 -1.78 12.26
N PHE B 176 -0.23 -1.72 12.44
CA PHE B 176 -1.09 -2.23 11.38
C PHE B 176 -1.45 -1.13 10.38
N PRO B 177 -1.69 -1.51 9.13
CA PRO B 177 -2.18 -0.54 8.15
C PRO B 177 -3.48 0.11 8.64
N ALA B 178 -3.62 1.40 8.38
CA ALA B 178 -4.81 2.11 8.81
C ALA B 178 -6.03 1.61 8.06
N VAL B 179 -7.18 1.63 8.75
CA VAL B 179 -8.46 1.39 8.11
C VAL B 179 -9.19 2.73 8.02
N LEU B 180 -9.93 2.91 6.93
CA LEU B 180 -10.76 4.09 6.75
C LEU B 180 -12.16 3.79 7.28
N GLN B 181 -12.56 4.51 8.31
CA GLN B 181 -13.87 4.30 8.92
C GLN B 181 -14.96 4.95 8.10
N SER B 182 -16.21 4.52 8.34
CA SER B 182 -17.35 5.11 7.66
C SER B 182 -17.43 6.62 7.88
N SER B 183 -16.88 7.12 8.98
CA SER B 183 -16.82 8.55 9.25
C SER B 183 -15.88 9.30 8.31
N GLY B 184 -15.12 8.59 7.49
CA GLY B 184 -14.09 9.24 6.71
C GLY B 184 -12.80 9.52 7.46
N LEU B 185 -12.69 9.07 8.71
CA LEU B 185 -11.49 9.22 9.51
C LEU B 185 -10.77 7.89 9.60
N TYR B 186 -9.46 7.95 9.73
CA TYR B 186 -8.64 6.74 9.77
C TYR B 186 -8.47 6.24 11.20
N SER B 187 -8.12 4.97 11.33
CA SER B 187 -7.82 4.35 12.62
C SER B 187 -6.78 3.26 12.40
N LEU B 188 -5.80 3.20 13.28
CA LEU B 188 -4.86 2.08 13.25
C LEU B 188 -4.49 1.70 14.68
N SER B 189 -3.84 0.55 14.79
CA SER B 189 -3.35 0.08 16.06
C SER B 189 -1.88 -0.31 15.90
N SER B 190 -1.15 -0.22 17.00
CA SER B 190 0.22 -0.69 17.08
C SER B 190 0.34 -1.53 18.33
N VAL B 191 0.87 -2.74 18.19
CA VAL B 191 0.99 -3.65 19.32
C VAL B 191 2.43 -4.13 19.45
N VAL B 192 2.75 -4.61 20.64
CA VAL B 192 4.06 -5.22 20.88
C VAL B 192 3.86 -6.38 21.86
N THR B 193 4.63 -7.44 21.65
CA THR B 193 4.71 -8.52 22.61
C THR B 193 5.99 -8.37 23.41
N VAL B 194 5.86 -8.41 24.73
CA VAL B 194 6.98 -8.23 25.65
C VAL B 194 6.96 -9.37 26.66
N PRO B 195 8.09 -9.64 27.31
CA PRO B 195 8.07 -10.58 28.43
C PRO B 195 7.11 -10.10 29.50
N SER B 196 6.22 -10.99 29.94
CA SER B 196 5.25 -10.62 30.96
C SER B 196 5.92 -10.31 32.30
N SER B 197 7.16 -10.77 32.49
CA SER B 197 7.93 -10.42 33.68
C SER B 197 8.42 -8.98 33.66
N SER B 198 8.24 -8.27 32.56
CA SER B 198 8.70 -6.90 32.43
C SER B 198 7.63 -5.87 32.77
N LEU B 199 6.38 -6.30 32.96
CA LEU B 199 5.28 -5.35 33.02
C LEU B 199 5.38 -4.45 34.26
N GLY B 200 5.82 -5.00 35.37
CA GLY B 200 5.94 -4.20 36.58
C GLY B 200 7.25 -3.48 36.74
N THR B 201 8.16 -3.62 35.77
CA THR B 201 9.49 -3.04 35.93
C THR B 201 9.89 -2.19 34.74
N GLN B 202 9.33 -2.46 33.57
CA GLN B 202 9.63 -1.69 32.36
C GLN B 202 8.44 -0.83 31.97
N THR B 203 8.71 0.45 31.73
CA THR B 203 7.67 1.34 31.22
C THR B 203 7.55 1.20 29.72
N TYR B 204 6.31 1.21 29.23
CA TYR B 204 6.01 1.08 27.82
C TYR B 204 5.21 2.29 27.37
N ILE B 205 5.73 3.02 26.41
CA ILE B 205 5.16 4.28 25.95
C ILE B 205 5.08 4.25 24.44
N CYS B 206 3.89 4.51 23.89
CA CYS B 206 3.73 4.61 22.45
C CYS B 206 3.83 6.08 22.06
N ASN B 207 4.70 6.37 21.09
CA ASN B 207 4.93 7.72 20.61
C ASN B 207 4.24 7.84 19.26
N VAL B 208 3.34 8.81 19.14
CA VAL B 208 2.49 8.95 17.97
C VAL B 208 2.69 10.34 17.40
N ASN B 209 3.03 10.41 16.12
CA ASN B 209 3.20 11.68 15.42
C ASN B 209 2.26 11.72 14.22
N HIS B 210 1.46 12.77 14.14
CA HIS B 210 0.58 13.03 13.00
C HIS B 210 0.96 14.41 12.50
N LYS B 211 1.96 14.46 11.61
CA LYS B 211 2.46 15.73 11.10
C LYS B 211 1.38 16.63 10.51
N PRO B 212 0.41 16.14 9.73
CA PRO B 212 -0.58 17.06 9.15
C PRO B 212 -1.29 17.94 10.15
N SER B 213 -1.47 17.48 11.39
CA SER B 213 -2.19 18.27 12.39
C SER B 213 -1.28 18.76 13.51
N ASN B 214 0.04 18.63 13.38
CA ASN B 214 0.98 19.02 14.42
C ASN B 214 0.67 18.33 15.74
N THR B 215 0.20 17.09 15.67
CA THR B 215 -0.16 16.31 16.84
C THR B 215 1.01 15.42 17.22
N LYS B 216 1.43 15.48 18.47
CA LYS B 216 2.47 14.60 19.00
C LYS B 216 2.01 14.13 20.37
N VAL B 217 1.84 12.82 20.52
CA VAL B 217 1.31 12.23 21.75
C VAL B 217 2.25 11.12 22.19
N ASP B 218 2.59 11.10 23.47
CA ASP B 218 3.26 9.99 24.12
C ASP B 218 2.31 9.42 25.16
N LYS B 219 1.95 8.15 25.01
CA LYS B 219 0.95 7.52 25.87
C LYS B 219 1.59 6.34 26.60
N LYS B 220 1.66 6.44 27.93
CA LYS B 220 2.10 5.30 28.72
C LYS B 220 1.02 4.23 28.72
N VAL B 221 1.44 2.98 28.55
CA VAL B 221 0.52 1.84 28.52
C VAL B 221 0.83 0.98 29.72
N GLU B 222 -0.02 1.06 30.74
CA GLU B 222 0.18 0.39 32.00
C GLU B 222 -0.81 -0.75 32.18
N PRO B 223 -0.44 -1.81 32.89
CA PRO B 223 -1.43 -2.83 33.26
C PRO B 223 -2.40 -2.28 34.30
N LYS B 224 -3.61 -2.84 34.29
CA LYS B 224 -4.63 -2.42 35.25
C LYS B 224 -5.50 -3.59 35.69
N LYS C 10 -1.70 24.51 -16.35
CA LYS C 10 -1.21 23.67 -17.44
C LYS C 10 -1.80 24.10 -18.78
N TRP C 11 -1.05 23.89 -19.86
CA TRP C 11 -1.45 24.39 -21.17
C TRP C 11 -0.68 23.76 -22.34
N ALA C 12 -0.23 22.52 -22.18
CA ALA C 12 0.35 21.79 -23.31
C ALA C 12 -0.75 21.28 -24.22
N SER C 13 -0.43 21.17 -25.51
CA SER C 13 -1.41 20.79 -26.51
C SER C 13 -1.74 19.29 -26.39
N LEU C 14 -3.03 18.99 -26.22
CA LEU C 14 -3.48 17.62 -25.95
C LEU C 14 -3.82 16.96 -27.27
N TRP C 15 -2.82 16.35 -27.90
CA TRP C 15 -2.90 15.83 -29.27
C TRP C 15 -2.65 14.32 -29.23
N ASN C 16 -3.70 13.53 -29.02
CA ASN C 16 -3.53 12.08 -28.97
C ASN C 16 -3.14 11.50 -30.33
N TRP C 17 -3.29 12.26 -31.42
CA TRP C 17 -2.87 11.79 -32.74
C TRP C 17 -1.36 11.84 -32.90
N PHE C 18 -0.67 12.59 -32.04
CA PHE C 18 0.78 12.69 -32.03
C PHE C 18 1.30 11.80 -30.90
N ASP C 19 1.80 10.62 -31.24
CA ASP C 19 2.25 9.65 -30.24
C ASP C 19 3.54 10.11 -29.59
N ILE C 20 3.45 10.67 -28.38
CA ILE C 20 4.64 11.19 -27.72
C ILE C 20 5.55 10.10 -27.19
N THR C 21 5.14 8.83 -27.24
CA THR C 21 5.98 7.76 -26.74
C THR C 21 6.83 7.11 -27.83
N LYS C 22 6.52 7.37 -29.10
CA LYS C 22 7.22 6.70 -30.19
C LYS C 22 7.63 7.64 -31.32
N TRP C 23 7.43 8.95 -31.16
CA TRP C 23 7.60 9.88 -32.26
C TRP C 23 9.03 9.88 -32.78
N LEU C 24 10.03 9.80 -31.89
CA LEU C 24 11.42 9.88 -32.32
C LEU C 24 11.78 8.70 -33.21
N TRP C 25 11.27 7.51 -32.89
CA TRP C 25 11.49 6.35 -33.73
C TRP C 25 10.89 6.55 -35.11
N TYR C 26 9.68 7.10 -35.18
CA TYR C 26 9.02 7.32 -36.47
C TYR C 26 9.79 8.34 -37.31
N ILE C 27 10.30 9.39 -36.68
CA ILE C 27 10.97 10.47 -37.40
C ILE C 27 12.41 10.13 -37.75
N LYS C 28 12.96 9.07 -37.16
CA LYS C 28 14.32 8.59 -37.45
C LYS C 28 15.36 9.66 -37.17
#